data_9U53
#
_entry.id   9U53
#
_cell.length_a   56.505
_cell.length_b   79.353
_cell.length_c   116.995
_cell.angle_alpha   90.00
_cell.angle_beta   90.00
_cell.angle_gamma   90.00
#
_symmetry.space_group_name_H-M   'P 21 21 21'
#
loop_
_entity.id
_entity.type
_entity.pdbx_description
1 polymer 'Cytochrome P450'
2 non-polymer 'PROTOPORPHYRIN IX CONTAINING FE'
3 non-polymer DI(HYDROXYETHYL)ETHER
4 non-polymer 1,2-ETHANEDIOL
5 water water
#
_entity_poly.entity_id   1
_entity_poly.type   'polypeptide(L)'
_entity_poly.pdbx_seq_one_letter_code
;MGSSHHHHHHSSGLVPRGSHMTTRIALDPFVSDLEAESAALRAAGPLAAVELPGGVPVWAVTHHAEAKKLLTDPRLVKDI
NVWGAWQRGEIAPDWPLIGLANPGRSMLTVDGADHRRMRTLVAQALTPRRVEQMRERITKLTEELLDRLTGEVVDLKADF
AYPLPMYVVADLMGIDEARLPRLGELFEKFFSTQTPPAEVIATLTELAGIMAETVAAKRAAPGDDLTSALILASEDGDHL
TDAEIVSTLALMVAAGHETTISLIVNAVVNLSTHPEQRALVLSGEADWSSVVEETLRYSTPTSHVLIRFATEDVPVGDKV
LPAGDALIVSYGALGRDEAAHGPTAGEFDITRSTENRHISFGHGPHVCPGAALSRLEAGVALPALYARFPKLDLAVPAAE
LRNKPVVTQNDLFELPVRLG
;
_entity_poly.pdbx_strand_id   A
#
loop_
_chem_comp.id
_chem_comp.type
_chem_comp.name
_chem_comp.formula
EDO non-polymer 1,2-ETHANEDIOL 'C2 H6 O2'
HEM non-polymer 'PROTOPORPHYRIN IX CONTAINING FE' 'C34 H32 Fe N4 O4'
PEG non-polymer DI(HYDROXYETHYL)ETHER 'C4 H10 O3'
#
# COMPACT_ATOMS: atom_id res chain seq x y z
N THR A 23 8.78 -21.94 18.15
CA THR A 23 7.55 -21.96 17.32
C THR A 23 7.26 -20.51 16.86
N ARG A 24 8.30 -19.82 16.41
CA ARG A 24 8.27 -18.40 15.97
C ARG A 24 8.56 -18.41 14.46
N ILE A 25 7.61 -17.95 13.64
CA ILE A 25 7.76 -17.86 12.16
C ILE A 25 8.68 -16.68 11.80
N ALA A 26 9.87 -16.96 11.28
CA ALA A 26 10.83 -15.93 10.83
C ALA A 26 10.43 -15.52 9.42
N LEU A 27 10.07 -14.26 9.18
CA LEU A 27 9.67 -13.80 7.84
C LEU A 27 10.93 -13.71 6.97
N ASP A 28 10.89 -14.28 5.78
CA ASP A 28 12.07 -14.25 4.88
C ASP A 28 12.17 -12.87 4.25
N PRO A 29 13.30 -12.15 4.50
CA PRO A 29 13.50 -10.83 3.93
C PRO A 29 13.72 -10.79 2.41
N PHE A 30 13.95 -11.94 1.75
CA PHE A 30 14.09 -12.11 0.28
C PHE A 30 12.72 -12.49 -0.31
N VAL A 31 11.76 -12.80 0.55
CA VAL A 31 10.35 -13.11 0.15
C VAL A 31 10.36 -14.20 -0.94
N SER A 32 11.00 -15.33 -0.63
CA SER A 32 11.26 -16.45 -1.58
C SER A 32 10.00 -17.30 -1.74
N ASP A 33 9.16 -17.38 -0.73
CA ASP A 33 7.94 -18.22 -0.82
C ASP A 33 6.81 -17.52 -0.06
N LEU A 34 6.37 -16.37 -0.56
CA LEU A 34 5.29 -15.60 0.12
C LEU A 34 4.14 -16.56 0.40
N GLU A 35 3.78 -17.42 -0.56
CA GLU A 35 2.57 -18.28 -0.49
C GLU A 35 2.64 -19.23 0.72
N ALA A 36 3.82 -19.79 1.00
CA ALA A 36 4.01 -20.78 2.10
C ALA A 36 3.94 -20.07 3.45
N GLU A 37 4.66 -18.94 3.56
CA GLU A 37 4.69 -18.04 4.75
C GLU A 37 3.26 -17.63 5.11
N SER A 38 2.49 -17.14 4.14
CA SER A 38 1.08 -16.72 4.38
C SER A 38 0.28 -17.90 4.92
N ALA A 39 0.49 -19.11 4.37
CA ALA A 39 -0.22 -20.34 4.78
C ALA A 39 0.18 -20.66 6.22
N ALA A 40 1.47 -20.59 6.52
CA ALA A 40 1.99 -20.80 7.89
C ALA A 40 1.33 -19.79 8.85
N LEU A 41 1.26 -18.51 8.47
CA LEU A 41 0.75 -17.46 9.40
C LEU A 41 -0.71 -17.73 9.72
N ARG A 42 -1.51 -18.08 8.73
CA ARG A 42 -2.94 -18.37 8.96
C ARG A 42 -3.07 -19.54 9.94
N ALA A 43 -2.24 -20.60 9.78
CA ALA A 43 -2.30 -21.84 10.60
C ALA A 43 -1.94 -21.47 12.06
N ALA A 44 -0.92 -20.64 12.25
CA ALA A 44 -0.43 -20.21 13.60
C ALA A 44 -1.29 -19.10 14.22
N GLY A 45 -2.43 -18.72 13.61
CA GLY A 45 -3.22 -17.56 14.05
C GLY A 45 -4.33 -17.96 15.02
N PRO A 46 -5.18 -17.02 15.50
CA PRO A 46 -5.22 -15.65 14.99
C PRO A 46 -4.01 -14.77 15.34
N LEU A 47 -3.30 -15.09 16.42
CA LEU A 47 -2.12 -14.30 16.88
C LEU A 47 -0.90 -15.22 16.80
N ALA A 48 -0.02 -14.95 15.83
CA ALA A 48 1.15 -15.77 15.53
C ALA A 48 2.41 -15.08 16.08
N ALA A 49 3.30 -15.85 16.70
CA ALA A 49 4.64 -15.38 17.11
C ALA A 49 5.51 -15.38 15.86
N VAL A 50 6.20 -14.26 15.62
CA VAL A 50 6.92 -14.02 14.35
C VAL A 50 8.27 -13.40 14.71
N GLU A 51 9.26 -13.56 13.85
CA GLU A 51 10.56 -12.87 13.94
C GLU A 51 10.66 -12.03 12.66
N LEU A 52 10.81 -10.72 12.81
CA LEU A 52 11.13 -9.83 11.68
C LEU A 52 12.61 -10.02 11.35
N PRO A 53 13.00 -9.85 10.08
CA PRO A 53 14.41 -9.80 9.67
C PRO A 53 15.27 -9.06 10.69
N GLY A 54 16.44 -9.63 11.03
CA GLY A 54 17.38 -9.08 12.01
C GLY A 54 17.07 -9.54 13.42
N GLY A 55 16.19 -10.54 13.57
CA GLY A 55 15.92 -11.30 14.81
C GLY A 55 15.01 -10.58 15.81
N VAL A 56 14.04 -9.79 15.35
CA VAL A 56 13.21 -8.93 16.25
C VAL A 56 11.86 -9.61 16.42
N PRO A 57 11.52 -10.08 17.64
CA PRO A 57 10.27 -10.81 17.84
C PRO A 57 9.08 -9.86 17.99
N VAL A 58 7.96 -10.23 17.37
CA VAL A 58 6.69 -9.47 17.39
C VAL A 58 5.56 -10.47 17.22
N TRP A 59 4.32 -10.04 17.45
CA TRP A 59 3.11 -10.82 17.12
C TRP A 59 2.58 -10.36 15.75
N ALA A 60 1.98 -11.26 15.01
CA ALA A 60 1.24 -10.95 13.76
C ALA A 60 -0.19 -11.39 13.97
N VAL A 61 -1.16 -10.52 13.72
CA VAL A 61 -2.58 -10.96 13.63
C VAL A 61 -2.86 -11.43 12.19
N THR A 62 -3.24 -12.71 12.04
CA THR A 62 -3.19 -13.40 10.72
C THR A 62 -4.59 -13.87 10.33
N HIS A 63 -5.60 -13.62 11.14
CA HIS A 63 -7.03 -13.88 10.78
C HIS A 63 -7.79 -12.55 10.72
N HIS A 64 -8.83 -12.54 9.91
CA HIS A 64 -9.69 -11.40 9.52
C HIS A 64 -10.40 -10.83 10.75
N ALA A 65 -11.21 -11.64 11.43
CA ALA A 65 -12.10 -11.13 12.51
C ALA A 65 -11.24 -10.47 13.60
N GLU A 66 -10.13 -11.11 13.97
CA GLU A 66 -9.28 -10.69 15.09
C GLU A 66 -8.52 -9.43 14.67
N ALA A 67 -8.18 -9.31 13.38
CA ALA A 67 -7.44 -8.13 12.89
C ALA A 67 -8.37 -6.92 13.02
N LYS A 68 -9.65 -7.06 12.64
CA LYS A 68 -10.62 -5.94 12.73
C LYS A 68 -10.77 -5.48 14.18
N LYS A 69 -10.84 -6.43 15.14
CA LYS A 69 -10.99 -6.10 16.58
C LYS A 69 -9.74 -5.35 17.02
N LEU A 70 -8.55 -5.85 16.66
CA LEU A 70 -7.30 -5.18 17.13
C LEU A 70 -7.18 -3.79 16.51
N LEU A 71 -7.61 -3.63 15.25
CA LEU A 71 -7.43 -2.38 14.48
C LEU A 71 -8.33 -1.28 15.05
N THR A 72 -9.41 -1.65 15.74
CA THR A 72 -10.33 -0.71 16.42
C THR A 72 -10.08 -0.72 17.93
N ASP A 73 -9.10 -1.46 18.43
CA ASP A 73 -8.80 -1.50 19.88
C ASP A 73 -7.87 -0.34 20.26
N PRO A 74 -8.33 0.65 21.03
CA PRO A 74 -7.48 1.77 21.45
C PRO A 74 -6.28 1.39 22.34
N ARG A 75 -6.17 0.15 22.81
CA ARG A 75 -4.96 -0.33 23.54
C ARG A 75 -3.82 -0.71 22.57
N LEU A 76 -4.07 -0.79 21.26
CA LEU A 76 -2.96 -1.00 20.27
C LEU A 76 -2.67 0.33 19.59
N VAL A 77 -1.51 0.91 19.89
CA VAL A 77 -1.11 2.28 19.50
C VAL A 77 0.15 2.24 18.64
N LYS A 78 0.41 3.36 17.95
CA LYS A 78 1.60 3.55 17.09
C LYS A 78 2.79 4.07 17.92
N ASP A 79 2.55 4.53 19.14
CA ASP A 79 3.53 5.25 20.01
C ASP A 79 4.67 4.29 20.37
N ILE A 80 5.84 4.49 19.80
CA ILE A 80 7.00 3.57 19.95
C ILE A 80 7.51 3.55 21.40
N ASN A 81 7.22 4.57 22.23
CA ASN A 81 7.50 4.58 23.70
C ASN A 81 6.95 3.30 24.35
N VAL A 82 5.86 2.76 23.81
CA VAL A 82 5.10 1.62 24.41
C VAL A 82 5.83 0.31 24.11
N TRP A 83 6.73 0.31 23.13
CA TRP A 83 7.44 -0.92 22.73
C TRP A 83 8.53 -1.20 23.76
N GLY A 84 8.31 -2.18 24.64
CA GLY A 84 9.26 -2.49 25.73
C GLY A 84 10.67 -2.75 25.20
N ALA A 85 10.80 -3.58 24.16
CA ALA A 85 12.12 -3.94 23.57
C ALA A 85 12.84 -2.67 23.10
N TRP A 86 12.12 -1.68 22.57
CA TRP A 86 12.69 -0.40 22.10
C TRP A 86 13.20 0.43 23.29
N GLN A 87 12.36 0.59 24.30
CA GLN A 87 12.66 1.41 25.51
C GLN A 87 13.89 0.87 26.27
N ARG A 88 14.08 -0.44 26.27
CA ARG A 88 15.18 -1.20 26.92
C ARG A 88 16.43 -1.31 26.05
N GLY A 89 16.57 -0.45 25.04
CA GLY A 89 17.71 -0.42 24.08
C GLY A 89 18.01 -1.76 23.42
N GLU A 90 17.03 -2.64 23.18
CA GLU A 90 17.29 -4.00 22.59
C GLU A 90 17.13 -3.99 21.06
N ILE A 91 16.75 -2.88 20.43
CA ILE A 91 16.62 -2.78 18.94
C ILE A 91 17.88 -2.08 18.42
N ALA A 92 18.68 -2.81 17.63
CA ALA A 92 19.90 -2.30 16.97
C ALA A 92 19.55 -0.99 16.26
N PRO A 93 20.32 0.11 16.45
CA PRO A 93 20.04 1.37 15.77
C PRO A 93 20.11 1.30 14.22
N ASP A 94 20.77 0.29 13.67
CA ASP A 94 20.92 0.06 12.21
C ASP A 94 20.06 -1.13 11.78
N TRP A 95 19.10 -1.54 12.62
CA TRP A 95 18.08 -2.54 12.23
C TRP A 95 17.48 -2.05 10.92
N PRO A 96 17.56 -2.83 9.83
CA PRO A 96 17.05 -2.39 8.53
C PRO A 96 15.63 -1.78 8.58
N LEU A 97 14.76 -2.27 9.47
CA LEU A 97 13.31 -1.88 9.49
C LEU A 97 13.05 -0.73 10.48
N ILE A 98 14.10 -0.16 11.07
CA ILE A 98 13.95 0.94 12.06
C ILE A 98 13.22 2.11 11.40
N GLY A 99 13.46 2.37 10.11
CA GLY A 99 12.78 3.44 9.36
C GLY A 99 11.27 3.25 9.36
N LEU A 100 10.81 2.02 9.21
CA LEU A 100 9.35 1.69 9.15
C LEU A 100 8.77 1.76 10.57
N ALA A 101 9.51 1.26 11.54
CA ALA A 101 9.04 1.10 12.94
C ALA A 101 9.09 2.45 13.65
N ASN A 102 10.05 3.31 13.30
CA ASN A 102 10.24 4.61 14.00
C ASN A 102 10.32 5.78 13.02
N PRO A 103 9.25 6.08 12.25
CA PRO A 103 9.30 7.17 11.28
C PRO A 103 9.03 8.52 11.94
N GLY A 104 9.30 9.62 11.26
CA GLY A 104 8.94 10.99 11.71
C GLY A 104 7.43 11.13 11.89
N ARG A 105 6.99 12.12 12.67
CA ARG A 105 5.57 12.38 13.05
C ARG A 105 4.74 12.57 11.77
N SER A 106 3.63 11.86 11.65
CA SER A 106 2.61 12.05 10.59
C SER A 106 1.28 11.47 11.09
N MET A 107 0.23 11.56 10.29
CA MET A 107 -1.03 10.85 10.61
C MET A 107 -0.64 9.43 11.01
N LEU A 108 0.42 8.86 10.40
CA LEU A 108 0.75 7.41 10.52
C LEU A 108 1.02 7.06 11.98
N THR A 109 1.67 7.96 12.75
CA THR A 109 2.30 7.64 14.05
C THR A 109 1.48 8.10 15.25
N VAL A 110 0.26 8.61 15.03
CA VAL A 110 -0.56 9.14 16.16
C VAL A 110 -1.86 8.33 16.28
N ASP A 111 -2.48 8.40 17.44
CA ASP A 111 -3.79 7.74 17.73
C ASP A 111 -4.66 8.71 18.50
N GLY A 112 -5.92 8.36 18.65
CA GLY A 112 -6.83 9.10 19.54
C GLY A 112 -7.14 10.46 18.96
N ALA A 113 -7.28 11.46 19.81
CA ALA A 113 -7.83 12.79 19.42
C ALA A 113 -6.90 13.46 18.38
N ASP A 114 -5.59 13.40 18.57
CA ASP A 114 -4.56 13.94 17.64
C ASP A 114 -4.75 13.35 16.22
N HIS A 115 -4.96 12.04 16.17
CA HIS A 115 -5.19 11.30 14.92
C HIS A 115 -6.54 11.68 14.31
N ARG A 116 -7.59 11.74 15.10
CA ARG A 116 -8.94 12.10 14.56
C ARG A 116 -8.91 13.49 13.92
N ARG A 117 -8.17 14.43 14.53
CA ARG A 117 -8.02 15.79 14.01
C ARG A 117 -7.40 15.74 12.61
N MET A 118 -6.31 14.99 12.44
CA MET A 118 -5.62 14.89 11.13
C MET A 118 -6.52 14.21 10.09
N ARG A 119 -7.26 13.17 10.48
CA ARG A 119 -8.08 12.40 9.50
C ARG A 119 -9.24 13.28 9.08
N THR A 120 -9.83 14.03 10.01
CA THR A 120 -10.94 14.96 9.67
C THR A 120 -10.43 15.97 8.63
N LEU A 121 -9.28 16.59 8.87
CA LEU A 121 -8.78 17.65 7.97
C LEU A 121 -8.40 17.03 6.62
N VAL A 122 -7.69 15.91 6.61
CA VAL A 122 -7.29 15.22 5.36
C VAL A 122 -8.54 14.80 4.59
N ALA A 123 -9.61 14.37 5.25
CA ALA A 123 -10.82 13.88 4.55
C ALA A 123 -11.52 15.03 3.82
N GLN A 124 -11.36 16.28 4.29
CA GLN A 124 -11.95 17.46 3.60
C GLN A 124 -11.21 17.70 2.26
N ALA A 125 -9.95 17.29 2.16
CA ALA A 125 -9.09 17.54 0.98
C ALA A 125 -9.13 16.36 -0.01
N LEU A 126 -8.86 15.13 0.44
CA LEU A 126 -8.84 13.90 -0.41
C LEU A 126 -10.25 13.28 -0.36
N THR A 127 -11.19 13.95 -1.01
CA THR A 127 -12.62 13.60 -1.04
C THR A 127 -12.84 12.54 -2.11
N PRO A 128 -13.91 11.73 -2.00
CA PRO A 128 -14.33 10.90 -3.12
C PRO A 128 -14.48 11.69 -4.44
N ARG A 129 -15.03 12.89 -4.38
CA ARG A 129 -15.25 13.72 -5.59
C ARG A 129 -13.88 14.19 -6.16
N ARG A 130 -12.94 14.65 -5.31
CA ARG A 130 -11.61 15.06 -5.83
C ARG A 130 -11.02 13.86 -6.59
N VAL A 131 -11.15 12.67 -6.03
CA VAL A 131 -10.55 11.48 -6.66
C VAL A 131 -11.30 11.18 -7.97
N GLU A 132 -12.62 11.20 -7.96
CA GLU A 132 -13.39 10.86 -9.19
C GLU A 132 -13.03 11.85 -10.31
N GLN A 133 -12.80 13.12 -9.97
CA GLN A 133 -12.47 14.19 -10.92
C GLN A 133 -11.10 13.94 -11.57
N MET A 134 -10.27 13.06 -11.04
CA MET A 134 -8.97 12.69 -11.69
C MET A 134 -9.23 11.73 -12.87
N ARG A 135 -10.43 11.13 -13.02
CA ARG A 135 -10.63 9.98 -13.97
C ARG A 135 -10.09 10.31 -15.37
N GLU A 136 -10.42 11.49 -15.92
CA GLU A 136 -10.06 11.90 -17.30
C GLU A 136 -8.54 12.06 -17.42
N ARG A 137 -7.89 12.72 -16.46
CA ARG A 137 -6.42 12.91 -16.44
C ARG A 137 -5.73 11.53 -16.33
N ILE A 138 -6.19 10.64 -15.47
CA ILE A 138 -5.61 9.27 -15.37
C ILE A 138 -5.76 8.55 -16.73
N THR A 139 -6.93 8.68 -17.36
CA THR A 139 -7.23 8.08 -18.69
C THR A 139 -6.21 8.62 -19.71
N LYS A 140 -5.96 9.94 -19.73
CA LYS A 140 -5.01 10.55 -20.70
C LYS A 140 -3.59 10.09 -20.40
N LEU A 141 -3.17 10.08 -19.13
CA LEU A 141 -1.81 9.62 -18.73
C LEU A 141 -1.63 8.19 -19.16
N THR A 142 -2.62 7.33 -18.88
CA THR A 142 -2.61 5.89 -19.28
C THR A 142 -2.45 5.77 -20.81
N GLU A 143 -3.22 6.55 -21.58
CA GLU A 143 -3.17 6.49 -23.07
C GLU A 143 -1.72 6.77 -23.54
N GLU A 144 -1.09 7.83 -23.02
CA GLU A 144 0.28 8.26 -23.41
C GLU A 144 1.29 7.18 -23.05
N LEU A 145 1.19 6.52 -21.88
CA LEU A 145 2.10 5.41 -21.52
C LEU A 145 1.87 4.23 -22.47
N LEU A 146 0.63 3.92 -22.83
CA LEU A 146 0.37 2.77 -23.74
C LEU A 146 0.94 3.10 -25.13
N ASP A 147 0.83 4.37 -25.58
CA ASP A 147 1.35 4.83 -26.89
C ASP A 147 2.85 4.51 -27.01
N ARG A 148 3.58 4.49 -25.90
CA ARG A 148 5.07 4.45 -25.91
C ARG A 148 5.52 3.00 -25.84
N LEU A 149 4.60 2.06 -25.65
CA LEU A 149 4.99 0.63 -25.60
C LEU A 149 5.43 0.19 -27.00
N THR A 150 6.65 -0.35 -27.11
CA THR A 150 7.17 -0.86 -28.40
C THR A 150 7.86 -2.21 -28.19
N GLY A 151 7.90 -3.03 -29.22
CA GLY A 151 8.50 -4.37 -29.06
C GLY A 151 7.41 -5.40 -28.87
N GLU A 152 7.74 -6.67 -28.99
CA GLU A 152 6.70 -7.73 -28.85
C GLU A 152 6.55 -8.08 -27.38
N VAL A 153 7.65 -8.06 -26.65
CA VAL A 153 7.67 -8.40 -25.21
C VAL A 153 8.19 -7.16 -24.47
N VAL A 154 7.54 -6.79 -23.37
CA VAL A 154 8.00 -5.62 -22.59
C VAL A 154 7.91 -5.93 -21.10
N ASP A 155 8.70 -5.20 -20.32
CA ASP A 155 8.52 -5.15 -18.85
C ASP A 155 7.33 -4.24 -18.59
N LEU A 156 6.15 -4.81 -18.38
CA LEU A 156 4.92 -3.99 -18.15
C LEU A 156 5.06 -3.14 -16.87
N LYS A 157 5.84 -3.60 -15.88
CA LYS A 157 6.03 -2.82 -14.64
C LYS A 157 6.85 -1.57 -14.96
N ALA A 158 8.09 -1.72 -15.40
CA ALA A 158 8.95 -0.56 -15.75
C ALA A 158 8.26 0.33 -16.80
N ASP A 159 7.59 -0.25 -17.82
CA ASP A 159 7.17 0.56 -19.00
C ASP A 159 5.78 1.14 -18.82
N PHE A 160 4.97 0.65 -17.90
CA PHE A 160 3.55 1.07 -17.83
C PHE A 160 3.11 1.31 -16.37
N ALA A 161 3.13 0.27 -15.54
CA ALA A 161 2.57 0.32 -14.17
C ALA A 161 3.41 1.28 -13.33
N TYR A 162 4.75 1.27 -13.44
CA TYR A 162 5.63 2.06 -12.54
C TYR A 162 5.36 3.56 -12.66
N PRO A 163 5.49 4.16 -13.85
CA PRO A 163 5.36 5.60 -13.98
C PRO A 163 3.93 6.14 -13.71
N LEU A 164 2.87 5.36 -13.95
CA LEU A 164 1.48 5.91 -13.93
C LEU A 164 1.19 6.60 -12.59
N PRO A 165 1.35 5.95 -11.41
CA PRO A 165 0.94 6.57 -10.14
C PRO A 165 1.78 7.80 -9.76
N MET A 166 3.03 7.88 -10.23
CA MET A 166 3.86 9.07 -10.02
C MET A 166 3.25 10.25 -10.78
N TYR A 167 2.96 10.08 -12.05
CA TYR A 167 2.31 11.14 -12.85
C TYR A 167 0.98 11.51 -12.18
N VAL A 168 0.22 10.52 -11.75
CA VAL A 168 -1.12 10.80 -11.18
C VAL A 168 -0.97 11.59 -9.87
N VAL A 169 -0.14 11.14 -8.95
CA VAL A 169 -0.07 11.79 -7.61
C VAL A 169 0.50 13.20 -7.78
N ALA A 170 1.47 13.41 -8.69
CA ALA A 170 2.04 14.75 -8.94
C ALA A 170 0.94 15.72 -9.40
N ASP A 171 0.07 15.26 -10.28
CA ASP A 171 -1.04 16.06 -10.83
C ASP A 171 -2.05 16.32 -9.71
N LEU A 172 -2.43 15.27 -9.00
CA LEU A 172 -3.37 15.32 -7.85
C LEU A 172 -2.86 16.42 -6.88
N MET A 173 -1.60 16.35 -6.53
CA MET A 173 -1.00 17.26 -5.52
C MET A 173 -0.67 18.62 -6.12
N GLY A 174 -0.81 18.81 -7.42
CA GLY A 174 -0.50 20.10 -8.04
C GLY A 174 0.99 20.39 -8.04
N ILE A 175 1.81 19.35 -8.13
CA ILE A 175 3.28 19.53 -8.17
C ILE A 175 3.66 20.03 -9.57
N ASP A 176 4.58 20.98 -9.64
CA ASP A 176 5.06 21.53 -10.93
C ASP A 176 5.43 20.42 -11.89
N GLU A 177 4.82 20.43 -13.06
CA GLU A 177 5.10 19.41 -14.10
C GLU A 177 6.61 19.38 -14.39
N ALA A 178 7.30 20.50 -14.25
CA ALA A 178 8.74 20.58 -14.60
C ALA A 178 9.55 19.62 -13.71
N ARG A 179 9.01 19.27 -12.54
CA ARG A 179 9.78 18.50 -11.53
C ARG A 179 9.72 17.00 -11.81
N LEU A 180 8.84 16.56 -12.71
CA LEU A 180 8.59 15.10 -12.93
C LEU A 180 9.88 14.32 -13.25
N PRO A 181 10.82 14.80 -14.08
CA PRO A 181 12.08 14.08 -14.24
C PRO A 181 12.81 13.83 -12.89
N ARG A 182 12.89 14.83 -12.02
CA ARG A 182 13.57 14.63 -10.72
C ARG A 182 12.72 13.72 -9.82
N LEU A 183 11.39 13.81 -9.87
CA LEU A 183 10.55 12.93 -8.99
C LEU A 183 10.84 11.47 -9.32
N GLY A 184 10.97 11.15 -10.61
CA GLY A 184 11.25 9.77 -11.04
C GLY A 184 12.57 9.28 -10.44
N GLU A 185 13.59 10.14 -10.40
CA GLU A 185 14.90 9.82 -9.77
C GLU A 185 14.71 9.62 -8.26
N LEU A 186 13.99 10.52 -7.59
CA LEU A 186 13.76 10.43 -6.13
C LEU A 186 12.95 9.17 -5.80
N PHE A 187 11.91 8.86 -6.57
CA PHE A 187 11.07 7.66 -6.32
C PHE A 187 11.94 6.40 -6.46
N GLU A 188 12.75 6.36 -7.52
CA GLU A 188 13.60 5.17 -7.77
C GLU A 188 14.52 4.96 -6.56
N LYS A 189 15.14 6.01 -6.02
CA LYS A 189 16.10 5.89 -4.89
C LYS A 189 15.34 5.50 -3.63
N PHE A 190 14.24 6.21 -3.38
CA PHE A 190 13.41 6.01 -2.17
C PHE A 190 13.02 4.54 -2.03
N PHE A 191 12.52 3.95 -3.11
CA PHE A 191 11.92 2.58 -3.09
C PHE A 191 12.93 1.48 -3.43
N SER A 192 14.12 1.82 -3.93
CA SER A 192 15.14 0.80 -4.31
C SER A 192 15.63 0.06 -3.07
N THR A 193 15.68 -1.27 -3.17
CA THR A 193 16.18 -2.22 -2.14
C THR A 193 17.70 -2.02 -1.94
N GLN A 194 18.39 -1.31 -2.85
CA GLN A 194 19.86 -1.10 -2.83
C GLN A 194 20.24 0.20 -2.11
N THR A 195 19.31 1.14 -1.94
CA THR A 195 19.61 2.47 -1.36
C THR A 195 20.00 2.27 0.11
N PRO A 196 21.20 2.73 0.57
CA PRO A 196 21.55 2.66 1.99
C PRO A 196 20.65 3.58 2.78
N PRO A 197 20.44 3.34 4.11
CA PRO A 197 19.54 4.16 4.92
C PRO A 197 19.84 5.67 4.89
N ALA A 198 21.11 6.07 4.95
CA ALA A 198 21.55 7.49 4.94
C ALA A 198 20.95 8.17 3.71
N GLU A 199 21.00 7.49 2.57
CA GLU A 199 20.54 8.06 1.27
C GLU A 199 19.00 8.03 1.19
N VAL A 200 18.33 7.05 1.81
CA VAL A 200 16.85 7.01 1.83
C VAL A 200 16.38 8.28 2.55
N ILE A 201 17.03 8.59 3.68
CA ILE A 201 16.76 9.80 4.50
C ILE A 201 17.01 11.06 3.67
N ALA A 202 18.11 11.16 2.92
CA ALA A 202 18.42 12.35 2.09
C ALA A 202 17.39 12.48 0.95
N THR A 203 16.94 11.36 0.41
CA THR A 203 15.94 11.33 -0.70
C THR A 203 14.62 11.87 -0.14
N LEU A 204 14.21 11.34 1.01
CA LEU A 204 12.98 11.76 1.70
C LEU A 204 13.07 13.25 2.03
N THR A 205 14.22 13.75 2.48
CA THR A 205 14.43 15.20 2.76
C THR A 205 14.20 16.04 1.50
N GLU A 206 14.77 15.64 0.35
CA GLU A 206 14.56 16.39 -0.91
C GLU A 206 13.08 16.31 -1.30
N LEU A 207 12.46 15.16 -1.19
CA LEU A 207 11.01 15.00 -1.51
C LEU A 207 10.20 15.97 -0.65
N ALA A 208 10.44 16.02 0.66
CA ALA A 208 9.73 16.93 1.59
C ALA A 208 9.98 18.38 1.19
N GLY A 209 11.19 18.69 0.69
CA GLY A 209 11.53 20.02 0.15
C GLY A 209 10.67 20.34 -1.05
N ILE A 210 10.44 19.36 -1.94
CA ILE A 210 9.52 19.59 -3.10
C ILE A 210 8.11 19.86 -2.56
N MET A 211 7.69 19.11 -1.54
CA MET A 211 6.32 19.28 -0.98
C MET A 211 6.18 20.68 -0.36
N ALA A 212 7.17 21.13 0.42
CA ALA A 212 7.20 22.48 1.05
C ALA A 212 7.10 23.59 -0.01
N GLU A 213 7.88 23.46 -1.09
CA GLU A 213 7.84 24.42 -2.21
C GLU A 213 6.44 24.38 -2.83
N THR A 214 5.85 23.19 -2.97
CA THR A 214 4.48 23.09 -3.57
C THR A 214 3.49 23.82 -2.67
N VAL A 215 3.59 23.58 -1.35
CA VAL A 215 2.69 24.22 -0.37
C VAL A 215 2.87 25.76 -0.44
N ALA A 216 4.10 26.26 -0.45
CA ALA A 216 4.36 27.73 -0.44
C ALA A 216 3.75 28.34 -1.72
N ALA A 217 3.85 27.66 -2.86
CA ALA A 217 3.29 28.16 -4.15
C ALA A 217 1.77 28.16 -4.09
N LYS A 218 1.15 27.13 -3.53
CA LYS A 218 -0.34 27.05 -3.52
C LYS A 218 -0.93 28.07 -2.54
N ARG A 219 -0.25 28.38 -1.43
CA ARG A 219 -0.68 29.48 -0.55
C ARG A 219 -0.82 30.79 -1.34
N ALA A 220 0.15 31.12 -2.20
CA ALA A 220 0.16 32.34 -3.04
C ALA A 220 -0.88 32.23 -4.17
N ALA A 221 -1.05 31.04 -4.73
CA ALA A 221 -1.91 30.81 -5.93
C ALA A 221 -2.70 29.52 -5.73
N PRO A 222 -3.79 29.58 -4.92
CA PRO A 222 -4.64 28.43 -4.65
C PRO A 222 -5.17 27.88 -5.98
N GLY A 223 -5.25 26.56 -6.13
CA GLY A 223 -5.79 25.88 -7.32
C GLY A 223 -6.72 24.72 -6.97
N ASP A 224 -7.20 23.98 -7.97
CA ASP A 224 -8.04 22.78 -7.76
C ASP A 224 -7.10 21.58 -7.63
N ASP A 225 -6.48 21.41 -6.47
CA ASP A 225 -5.48 20.34 -6.27
C ASP A 225 -5.47 20.01 -4.78
N LEU A 226 -4.91 18.85 -4.45
CA LEU A 226 -4.94 18.33 -3.06
C LEU A 226 -4.14 19.26 -2.13
N THR A 227 -3.05 19.84 -2.60
CA THR A 227 -2.21 20.68 -1.71
C THR A 227 -3.04 21.90 -1.29
N SER A 228 -3.66 22.57 -2.26
CA SER A 228 -4.54 23.74 -2.01
C SER A 228 -5.63 23.33 -1.00
N ALA A 229 -6.19 22.13 -1.12
CA ALA A 229 -7.34 21.67 -0.30
C ALA A 229 -6.84 21.37 1.11
N LEU A 230 -5.61 20.89 1.28
CA LEU A 230 -5.03 20.58 2.59
C LEU A 230 -4.72 21.91 3.30
N ILE A 231 -4.28 22.91 2.55
CA ILE A 231 -4.07 24.29 3.09
C ILE A 231 -5.41 24.81 3.61
N LEU A 232 -6.47 24.67 2.83
CA LEU A 232 -7.81 25.25 3.10
C LEU A 232 -8.55 24.50 4.22
N ALA A 233 -8.28 23.22 4.44
CA ALA A 233 -9.11 22.39 5.34
C ALA A 233 -9.13 23.03 6.71
N SER A 234 -10.31 23.02 7.34
CA SER A 234 -10.45 23.52 8.71
C SER A 234 -11.69 22.93 9.41
N GLU A 235 -11.58 22.87 10.73
CA GLU A 235 -12.59 22.30 11.65
C GLU A 235 -12.66 23.25 12.84
N ASP A 236 -13.64 24.16 12.86
CA ASP A 236 -13.86 25.18 13.93
C ASP A 236 -12.61 26.05 14.13
N GLY A 237 -12.03 26.57 13.05
CA GLY A 237 -10.81 27.41 13.13
C GLY A 237 -9.52 26.62 13.02
N ASP A 238 -9.52 25.34 13.42
CA ASP A 238 -8.29 24.49 13.46
C ASP A 238 -7.99 24.03 12.04
N HIS A 239 -6.70 23.96 11.69
CA HIS A 239 -6.19 23.67 10.33
C HIS A 239 -4.77 23.07 10.47
N LEU A 240 -4.30 22.39 9.42
CA LEU A 240 -2.97 21.73 9.44
C LEU A 240 -1.87 22.78 9.42
N THR A 241 -0.80 22.56 10.17
CA THR A 241 0.42 23.39 10.10
C THR A 241 1.15 23.06 8.80
N ASP A 242 2.13 23.87 8.43
CA ASP A 242 2.97 23.60 7.25
C ASP A 242 3.60 22.21 7.40
N ALA A 243 4.16 21.88 8.56
CA ALA A 243 4.83 20.59 8.81
C ALA A 243 3.85 19.42 8.62
N GLU A 244 2.60 19.54 9.04
CA GLU A 244 1.58 18.48 8.89
C GLU A 244 1.18 18.30 7.43
N ILE A 245 1.11 19.40 6.68
CA ILE A 245 0.79 19.33 5.23
C ILE A 245 1.94 18.65 4.52
N VAL A 246 3.17 19.07 4.80
CA VAL A 246 4.34 18.47 4.12
C VAL A 246 4.42 16.98 4.48
N SER A 247 4.25 16.61 5.75
CA SER A 247 4.40 15.19 6.18
C SER A 247 3.27 14.35 5.57
N THR A 248 2.06 14.89 5.48
CA THR A 248 0.92 14.22 4.82
C THR A 248 1.24 13.95 3.35
N LEU A 249 1.65 14.98 2.59
CA LEU A 249 1.98 14.80 1.16
C LEU A 249 3.10 13.75 1.02
N ALA A 250 4.15 13.82 1.85
CA ALA A 250 5.31 12.92 1.75
C ALA A 250 4.86 11.48 2.06
N LEU A 251 4.04 11.33 3.08
CA LEU A 251 3.48 10.03 3.52
C LEU A 251 2.61 9.46 2.41
N MET A 252 1.81 10.29 1.74
CA MET A 252 0.92 9.78 0.66
C MET A 252 1.77 9.24 -0.50
N VAL A 253 2.93 9.83 -0.78
CA VAL A 253 3.82 9.29 -1.85
C VAL A 253 4.36 7.92 -1.43
N ALA A 254 4.85 7.84 -0.19
CA ALA A 254 5.49 6.65 0.36
C ALA A 254 4.45 5.53 0.42
N ALA A 255 3.20 5.87 0.70
CA ALA A 255 2.16 4.86 0.98
C ALA A 255 1.51 4.37 -0.34
N GLY A 256 1.48 5.20 -1.37
CA GLY A 256 0.58 5.09 -2.54
C GLY A 256 1.27 4.69 -3.85
N HIS A 257 2.59 4.74 -3.92
CA HIS A 257 3.31 4.53 -5.20
C HIS A 257 3.44 3.04 -5.55
N GLU A 258 4.31 2.32 -4.85
CA GLU A 258 4.57 0.89 -5.14
C GLU A 258 3.35 0.04 -4.84
N THR A 259 2.52 0.42 -3.85
CA THR A 259 1.27 -0.32 -3.57
C THR A 259 0.39 -0.31 -4.84
N THR A 260 0.10 0.86 -5.38
CA THR A 260 -0.77 1.00 -6.59
C THR A 260 -0.12 0.25 -7.76
N ILE A 261 1.19 0.42 -7.97
CA ILE A 261 1.93 -0.35 -9.00
C ILE A 261 1.65 -1.84 -8.82
N SER A 262 1.81 -2.38 -7.62
CA SER A 262 1.68 -3.83 -7.35
C SER A 262 0.23 -4.27 -7.53
N LEU A 263 -0.74 -3.40 -7.29
CA LEU A 263 -2.16 -3.76 -7.50
C LEU A 263 -2.33 -4.02 -9.01
N ILE A 264 -1.79 -3.14 -9.85
CA ILE A 264 -1.94 -3.25 -11.34
C ILE A 264 -1.21 -4.51 -11.80
N VAL A 265 0.03 -4.67 -11.37
CA VAL A 265 0.90 -5.83 -11.66
C VAL A 265 0.16 -7.10 -11.26
N ASN A 266 -0.25 -7.20 -10.01
CA ASN A 266 -0.84 -8.46 -9.48
C ASN A 266 -2.13 -8.78 -10.26
N ALA A 267 -2.91 -7.76 -10.64
CA ALA A 267 -4.15 -7.94 -11.43
C ALA A 267 -3.80 -8.62 -12.77
N VAL A 268 -2.78 -8.14 -13.46
CA VAL A 268 -2.32 -8.70 -14.77
C VAL A 268 -1.80 -10.12 -14.52
N VAL A 269 -1.05 -10.37 -13.45
CA VAL A 269 -0.60 -11.76 -13.12
C VAL A 269 -1.80 -12.66 -12.87
N ASN A 270 -2.78 -12.21 -12.09
CA ASN A 270 -3.95 -13.04 -11.71
C ASN A 270 -4.77 -13.37 -12.96
N LEU A 271 -5.01 -12.40 -13.85
CA LEU A 271 -5.80 -12.65 -15.09
C LEU A 271 -4.98 -13.55 -16.02
N SER A 272 -3.65 -13.44 -16.00
CA SER A 272 -2.76 -14.27 -16.85
C SER A 272 -2.79 -15.73 -16.39
N THR A 273 -2.92 -15.99 -15.08
CA THR A 273 -2.81 -17.36 -14.53
C THR A 273 -4.22 -17.94 -14.39
N HIS A 274 -5.26 -17.16 -14.67
CA HIS A 274 -6.68 -17.58 -14.56
C HIS A 274 -7.40 -17.22 -15.87
N PRO A 275 -7.03 -17.86 -16.99
CA PRO A 275 -7.49 -17.43 -18.32
C PRO A 275 -9.02 -17.48 -18.48
N GLU A 276 -9.71 -18.36 -17.77
CA GLU A 276 -11.18 -18.47 -17.89
C GLU A 276 -11.83 -17.26 -17.24
N GLN A 277 -11.17 -16.64 -16.27
CA GLN A 277 -11.72 -15.41 -15.64
C GLN A 277 -11.31 -14.21 -16.48
N ARG A 278 -10.11 -14.23 -17.07
CA ARG A 278 -9.73 -13.19 -18.03
C ARG A 278 -10.81 -13.12 -19.12
N ALA A 279 -11.20 -14.29 -19.65
CA ALA A 279 -12.21 -14.39 -20.73
C ALA A 279 -13.49 -13.71 -20.21
N LEU A 280 -13.87 -13.93 -18.94
CA LEU A 280 -15.13 -13.36 -18.41
C LEU A 280 -15.06 -11.83 -18.42
N VAL A 281 -13.94 -11.24 -18.03
CA VAL A 281 -13.86 -9.75 -17.94
C VAL A 281 -13.70 -9.18 -19.37
N LEU A 282 -12.86 -9.77 -20.22
CA LEU A 282 -12.62 -9.28 -21.61
C LEU A 282 -13.94 -9.33 -22.40
N SER A 283 -14.78 -10.32 -22.12
CA SER A 283 -16.08 -10.56 -22.80
C SER A 283 -17.18 -9.67 -22.20
N GLY A 284 -16.89 -8.91 -21.14
CA GLY A 284 -17.86 -8.02 -20.47
C GLY A 284 -18.84 -8.76 -19.56
N GLU A 285 -18.60 -10.02 -19.19
CA GLU A 285 -19.50 -10.79 -18.28
C GLU A 285 -19.17 -10.48 -16.81
N ALA A 286 -17.91 -10.15 -16.53
CA ALA A 286 -17.44 -9.67 -15.22
C ALA A 286 -16.88 -8.25 -15.38
N ASP A 287 -17.09 -7.40 -14.39
CA ASP A 287 -16.67 -5.98 -14.42
C ASP A 287 -15.22 -5.87 -13.91
N TRP A 288 -14.52 -4.81 -14.31
CA TRP A 288 -13.11 -4.60 -13.91
C TRP A 288 -13.01 -4.43 -12.38
N SER A 289 -14.03 -3.84 -11.75
CA SER A 289 -14.05 -3.61 -10.28
C SER A 289 -13.89 -4.94 -9.54
N SER A 290 -14.49 -6.01 -10.06
CA SER A 290 -14.46 -7.34 -9.43
C SER A 290 -13.03 -7.89 -9.53
N VAL A 291 -12.31 -7.56 -10.62
CA VAL A 291 -10.89 -7.97 -10.77
C VAL A 291 -10.03 -7.23 -9.71
N VAL A 292 -10.26 -5.94 -9.52
CA VAL A 292 -9.42 -5.10 -8.61
C VAL A 292 -9.67 -5.54 -7.17
N GLU A 293 -10.93 -5.63 -6.76
CA GLU A 293 -11.31 -6.04 -5.38
C GLU A 293 -10.80 -7.44 -5.10
N GLU A 294 -10.96 -8.38 -6.04
CA GLU A 294 -10.48 -9.76 -5.79
C GLU A 294 -8.95 -9.75 -5.78
N THR A 295 -8.27 -8.93 -6.59
CA THR A 295 -6.78 -8.88 -6.53
C THR A 295 -6.36 -8.33 -5.15
N LEU A 296 -7.11 -7.40 -4.58
CA LEU A 296 -6.76 -6.78 -3.26
C LEU A 296 -6.88 -7.80 -2.10
N ARG A 297 -7.90 -8.67 -2.13
CA ARG A 297 -8.14 -9.72 -1.10
C ARG A 297 -7.09 -10.82 -1.27
N TYR A 298 -6.99 -11.32 -2.50
CA TYR A 298 -6.21 -12.53 -2.84
C TYR A 298 -4.71 -12.24 -2.80
N SER A 299 -4.28 -11.04 -3.19
CA SER A 299 -2.86 -10.71 -3.49
C SER A 299 -2.58 -9.22 -3.23
N THR A 300 -2.79 -8.80 -1.98
CA THR A 300 -2.65 -7.37 -1.58
C THR A 300 -1.20 -7.01 -1.84
N PRO A 301 -0.98 -5.78 -2.33
CA PRO A 301 0.37 -5.23 -2.41
C PRO A 301 1.08 -5.20 -1.05
N THR A 302 0.30 -5.14 0.03
CA THR A 302 0.86 -4.90 1.40
C THR A 302 0.67 -6.14 2.24
N SER A 303 1.73 -6.94 2.39
CA SER A 303 1.64 -8.24 3.10
C SER A 303 1.58 -8.00 4.62
N HIS A 304 2.32 -7.02 5.14
CA HIS A 304 2.38 -6.76 6.61
C HIS A 304 2.44 -5.27 6.84
N VAL A 305 1.75 -4.77 7.86
CA VAL A 305 1.92 -3.35 8.29
C VAL A 305 2.58 -3.32 9.65
N LEU A 306 3.76 -2.70 9.72
CA LEU A 306 4.41 -2.21 10.96
C LEU A 306 3.78 -0.86 11.29
N ILE A 307 3.46 -0.58 12.57
CA ILE A 307 3.65 -1.46 13.71
C ILE A 307 2.81 -0.90 14.85
N ARG A 308 2.30 -1.77 15.71
CA ARG A 308 1.46 -1.35 16.86
C ARG A 308 2.01 -1.96 18.15
N PHE A 309 1.70 -1.32 19.28
CA PHE A 309 2.18 -1.75 20.62
C PHE A 309 1.01 -1.77 21.58
N ALA A 310 0.94 -2.79 22.44
CA ALA A 310 -0.10 -2.95 23.47
C ALA A 310 0.22 -2.10 24.70
N THR A 311 -0.66 -1.19 25.09
CA THR A 311 -0.58 -0.38 26.34
C THR A 311 -1.01 -1.20 27.56
N GLU A 312 -1.70 -2.32 27.35
CA GLU A 312 -2.08 -3.29 28.41
C GLU A 312 -2.26 -4.67 27.77
N ASP A 313 -2.37 -5.72 28.57
CA ASP A 313 -2.60 -7.10 28.06
C ASP A 313 -3.90 -7.12 27.23
N VAL A 314 -3.84 -7.71 26.04
CA VAL A 314 -5.03 -7.81 25.16
C VAL A 314 -5.24 -9.27 24.80
N PRO A 315 -6.38 -9.84 25.24
CA PRO A 315 -6.78 -11.19 24.85
C PRO A 315 -7.04 -11.21 23.33
N VAL A 316 -6.40 -12.13 22.62
CA VAL A 316 -6.61 -12.40 21.16
C VAL A 316 -6.82 -13.91 21.01
N GLY A 317 -8.07 -14.32 20.76
CA GLY A 317 -8.52 -15.72 20.84
C GLY A 317 -8.24 -16.29 22.22
N ASP A 318 -7.53 -17.39 22.25
CA ASP A 318 -7.18 -18.15 23.47
C ASP A 318 -5.83 -17.62 23.96
N LYS A 319 -5.27 -16.59 23.31
CA LYS A 319 -3.92 -16.08 23.65
C LYS A 319 -4.02 -14.70 24.27
N VAL A 320 -2.92 -14.24 24.84
CA VAL A 320 -2.85 -12.86 25.39
C VAL A 320 -1.70 -12.14 24.70
N LEU A 321 -1.98 -10.94 24.21
CA LEU A 321 -0.92 -10.08 23.64
C LEU A 321 -0.40 -9.24 24.82
N PRO A 322 0.82 -9.53 25.35
CA PRO A 322 1.29 -8.84 26.56
C PRO A 322 1.47 -7.32 26.35
N ALA A 323 1.08 -6.51 27.35
CA ALA A 323 1.48 -5.09 27.44
C ALA A 323 2.94 -4.97 26.98
N GLY A 324 3.24 -3.97 26.17
CA GLY A 324 4.60 -3.62 25.74
C GLY A 324 5.11 -4.45 24.58
N ASP A 325 4.34 -5.43 24.13
CA ASP A 325 4.75 -6.26 22.97
C ASP A 325 4.28 -5.55 21.70
N ALA A 326 4.86 -5.95 20.58
CA ALA A 326 4.63 -5.37 19.24
C ALA A 326 3.66 -6.24 18.44
N LEU A 327 2.89 -5.58 17.59
CA LEU A 327 1.91 -6.25 16.67
C LEU A 327 2.09 -5.72 15.25
N ILE A 328 2.20 -6.63 14.30
CA ILE A 328 2.06 -6.32 12.85
C ILE A 328 0.75 -6.91 12.39
N VAL A 329 0.16 -6.31 11.38
CA VAL A 329 -1.10 -6.84 10.77
C VAL A 329 -0.72 -7.51 9.46
N SER A 330 -1.03 -8.80 9.36
CA SER A 330 -0.58 -9.67 8.23
C SER A 330 -1.69 -9.72 7.19
N TYR A 331 -1.91 -8.58 6.51
CA TYR A 331 -3.01 -8.38 5.53
C TYR A 331 -2.93 -9.45 4.43
N GLY A 332 -1.71 -9.80 4.02
CA GLY A 332 -1.52 -10.83 2.97
C GLY A 332 -2.15 -12.15 3.38
N ALA A 333 -1.75 -12.63 4.55
CA ALA A 333 -2.22 -13.90 5.12
C ALA A 333 -3.75 -13.86 5.28
N LEU A 334 -4.28 -12.82 5.92
CA LEU A 334 -5.70 -12.85 6.34
C LEU A 334 -6.63 -12.60 5.15
N GLY A 335 -6.12 -12.13 4.01
CA GLY A 335 -6.91 -11.99 2.75
C GLY A 335 -7.56 -13.31 2.34
N ARG A 336 -6.86 -14.42 2.55
CA ARG A 336 -7.38 -15.78 2.19
C ARG A 336 -7.85 -16.51 3.45
N ASP A 337 -8.52 -15.80 4.36
CA ASP A 337 -9.13 -16.37 5.59
C ASP A 337 -10.43 -17.07 5.23
N GLU A 338 -10.44 -18.40 5.37
CA GLU A 338 -11.62 -19.26 5.08
C GLU A 338 -12.77 -18.88 6.00
N ALA A 339 -12.49 -18.47 7.24
CA ALA A 339 -13.53 -18.01 8.18
C ALA A 339 -14.26 -16.79 7.62
N ALA A 340 -13.57 -15.88 6.91
CA ALA A 340 -14.19 -14.65 6.37
C ALA A 340 -14.89 -14.93 5.03
N HIS A 341 -14.27 -15.73 4.15
CA HIS A 341 -14.59 -15.76 2.70
C HIS A 341 -15.17 -17.11 2.25
N GLY A 342 -15.17 -18.11 3.14
CA GLY A 342 -15.67 -19.48 2.86
C GLY A 342 -14.58 -20.39 2.33
N PRO A 343 -14.94 -21.62 1.87
CA PRO A 343 -13.95 -22.61 1.47
C PRO A 343 -13.06 -22.23 0.27
N THR A 344 -13.51 -21.31 -0.61
CA THR A 344 -12.75 -20.90 -1.82
C THR A 344 -11.78 -19.73 -1.52
N ALA A 345 -11.59 -19.33 -0.25
CA ALA A 345 -10.79 -18.15 0.16
C ALA A 345 -9.39 -18.24 -0.44
N GLY A 346 -8.89 -19.47 -0.60
CA GLY A 346 -7.52 -19.78 -1.07
C GLY A 346 -7.37 -19.58 -2.58
N GLU A 347 -8.45 -19.35 -3.30
CA GLU A 347 -8.37 -19.23 -4.78
C GLU A 347 -8.76 -17.81 -5.23
N PHE A 348 -8.19 -17.41 -6.36
CA PHE A 348 -8.61 -16.23 -7.14
C PHE A 348 -9.93 -16.54 -7.86
N ASP A 349 -11.01 -15.85 -7.49
CA ASP A 349 -12.32 -15.97 -8.16
C ASP A 349 -12.98 -14.58 -8.19
N ILE A 350 -12.97 -13.92 -9.34
CA ILE A 350 -13.54 -12.55 -9.53
C ILE A 350 -15.07 -12.62 -9.44
N THR A 351 -15.68 -13.81 -9.42
CA THR A 351 -17.17 -13.96 -9.35
C THR A 351 -17.62 -14.26 -7.92
N ARG A 352 -16.74 -14.21 -6.92
CA ARG A 352 -17.10 -14.60 -5.53
C ARG A 352 -18.03 -13.54 -4.95
N SER A 353 -18.96 -13.97 -4.11
CA SER A 353 -19.64 -13.10 -3.13
C SER A 353 -19.11 -13.51 -1.76
N THR A 354 -18.66 -12.56 -0.96
CA THR A 354 -18.23 -12.82 0.44
C THR A 354 -19.15 -12.00 1.36
N GLU A 355 -19.49 -12.55 2.52
CA GLU A 355 -20.22 -11.85 3.61
C GLU A 355 -19.34 -10.66 4.05
N ASN A 356 -18.02 -10.88 4.01
CA ASN A 356 -16.99 -10.00 4.63
C ASN A 356 -16.19 -9.30 3.52
N ARG A 357 -16.38 -7.99 3.38
CA ARG A 357 -15.53 -7.13 2.50
C ARG A 357 -14.08 -7.36 2.95
N HIS A 358 -13.12 -7.41 2.04
CA HIS A 358 -11.69 -7.48 2.43
C HIS A 358 -11.33 -6.22 3.23
N ILE A 359 -10.21 -6.30 3.93
CA ILE A 359 -9.67 -5.17 4.75
C ILE A 359 -8.25 -4.90 4.28
N SER A 360 -7.97 -5.06 2.99
CA SER A 360 -6.61 -4.84 2.45
C SER A 360 -6.28 -3.34 2.48
N PHE A 361 -7.26 -2.47 2.72
CA PHE A 361 -7.04 -1.02 2.93
C PHE A 361 -7.07 -0.68 4.42
N GLY A 362 -7.02 -1.69 5.29
CA GLY A 362 -7.07 -1.47 6.76
C GLY A 362 -8.49 -1.43 7.27
N HIS A 363 -8.65 -0.98 8.51
CA HIS A 363 -9.95 -0.93 9.21
C HIS A 363 -9.77 -0.08 10.45
N GLY A 364 -10.82 0.65 10.80
CA GLY A 364 -10.86 1.53 11.96
C GLY A 364 -10.17 2.84 11.60
N PRO A 365 -9.64 3.55 12.60
CA PRO A 365 -9.21 4.93 12.41
C PRO A 365 -8.11 5.18 11.36
N HIS A 366 -7.18 4.23 11.18
CA HIS A 366 -6.00 4.37 10.29
C HIS A 366 -6.32 3.88 8.87
N VAL A 367 -7.59 3.57 8.57
CA VAL A 367 -7.99 3.00 7.25
C VAL A 367 -7.42 3.87 6.14
N CYS A 368 -6.97 3.25 5.07
CA CYS A 368 -6.28 3.93 3.93
C CYS A 368 -7.11 5.09 3.38
N PRO A 369 -6.59 6.33 3.45
CA PRO A 369 -7.30 7.46 2.83
C PRO A 369 -7.13 7.49 1.31
N GLY A 370 -6.26 6.65 0.74
CA GLY A 370 -6.00 6.57 -0.71
C GLY A 370 -6.80 5.48 -1.40
N ALA A 371 -7.65 4.74 -0.71
CA ALA A 371 -8.34 3.55 -1.29
C ALA A 371 -9.03 3.94 -2.61
N ALA A 372 -9.73 5.07 -2.68
CA ALA A 372 -10.54 5.41 -3.89
C ALA A 372 -9.58 5.72 -5.03
N LEU A 373 -8.43 6.31 -4.70
CA LEU A 373 -7.47 6.75 -5.73
C LEU A 373 -6.85 5.50 -6.37
N SER A 374 -6.40 4.55 -5.58
CA SER A 374 -5.74 3.34 -6.10
C SER A 374 -6.78 2.48 -6.83
N ARG A 375 -8.01 2.42 -6.34
CA ARG A 375 -9.09 1.73 -7.08
C ARG A 375 -9.31 2.41 -8.44
N LEU A 376 -9.26 3.74 -8.51
CA LEU A 376 -9.52 4.48 -9.77
C LEU A 376 -8.38 4.27 -10.75
N GLU A 377 -7.12 4.37 -10.28
CA GLU A 377 -5.95 4.18 -11.18
C GLU A 377 -6.02 2.78 -11.80
N ALA A 378 -6.27 1.74 -11.01
CA ALA A 378 -6.32 0.35 -11.51
C ALA A 378 -7.56 0.13 -12.38
N GLY A 379 -8.68 0.75 -12.02
CA GLY A 379 -9.97 0.65 -12.72
C GLY A 379 -9.91 1.32 -14.07
N VAL A 380 -9.03 2.32 -14.24
CA VAL A 380 -8.76 3.00 -15.54
C VAL A 380 -7.67 2.25 -16.29
N ALA A 381 -6.54 1.94 -15.65
CA ALA A 381 -5.36 1.35 -16.32
C ALA A 381 -5.64 -0.05 -16.90
N LEU A 382 -6.31 -0.93 -16.19
CA LEU A 382 -6.45 -2.35 -16.66
C LEU A 382 -7.29 -2.42 -17.93
N PRO A 383 -8.53 -1.89 -17.97
CA PRO A 383 -9.33 -1.97 -19.19
C PRO A 383 -8.62 -1.29 -20.36
N ALA A 384 -7.90 -0.19 -20.11
CA ALA A 384 -7.16 0.58 -21.13
C ALA A 384 -6.07 -0.30 -21.73
N LEU A 385 -5.32 -1.00 -20.88
CA LEU A 385 -4.19 -1.90 -21.28
C LEU A 385 -4.71 -3.01 -22.20
N TYR A 386 -5.72 -3.73 -21.76
CA TYR A 386 -6.30 -4.89 -22.48
C TYR A 386 -7.11 -4.42 -23.71
N ALA A 387 -7.59 -3.17 -23.74
CA ALA A 387 -8.28 -2.59 -24.91
C ALA A 387 -7.25 -2.33 -26.01
N ARG A 388 -6.02 -1.98 -25.63
CA ARG A 388 -4.87 -1.80 -26.56
C ARG A 388 -4.23 -3.15 -26.91
N PHE A 389 -4.15 -4.10 -25.98
CA PHE A 389 -3.47 -5.42 -26.18
C PHE A 389 -4.35 -6.53 -25.58
N PRO A 390 -5.50 -6.85 -26.22
CA PRO A 390 -6.44 -7.84 -25.69
C PRO A 390 -5.85 -9.25 -25.56
N LYS A 391 -4.77 -9.56 -26.27
CA LYS A 391 -4.12 -10.88 -26.24
C LYS A 391 -2.96 -10.88 -25.24
N LEU A 392 -2.67 -9.78 -24.54
CA LEU A 392 -1.42 -9.70 -23.73
C LEU A 392 -1.40 -10.86 -22.72
N ASP A 393 -0.20 -11.38 -22.49
CA ASP A 393 -0.01 -12.48 -21.50
C ASP A 393 1.43 -12.41 -21.03
N LEU A 394 1.75 -13.16 -19.97
CA LEU A 394 3.12 -13.22 -19.45
C LEU A 394 4.03 -13.78 -20.55
N ALA A 395 5.23 -13.23 -20.69
CA ALA A 395 6.28 -13.68 -21.63
C ALA A 395 7.12 -14.81 -20.98
N VAL A 396 6.88 -15.09 -19.69
CA VAL A 396 7.56 -16.16 -18.90
C VAL A 396 6.49 -16.93 -18.15
N PRO A 397 6.79 -18.16 -17.65
CA PRO A 397 5.85 -18.85 -16.76
C PRO A 397 5.76 -18.07 -15.44
N ALA A 398 4.57 -18.09 -14.83
CA ALA A 398 4.25 -17.40 -13.56
C ALA A 398 5.35 -17.69 -12.53
N ALA A 399 5.77 -18.96 -12.45
CA ALA A 399 6.75 -19.50 -11.47
C ALA A 399 8.11 -18.80 -11.61
N GLU A 400 8.40 -18.17 -12.75
CA GLU A 400 9.68 -17.45 -12.95
C GLU A 400 9.56 -16.00 -12.48
N LEU A 401 8.36 -15.53 -12.08
CA LEU A 401 8.20 -14.17 -11.50
C LEU A 401 8.85 -14.17 -10.10
N ARG A 402 9.55 -13.10 -9.74
CA ARG A 402 10.37 -12.94 -8.51
C ARG A 402 9.83 -11.80 -7.62
N ASN A 403 9.59 -12.07 -6.33
CA ASN A 403 9.32 -10.99 -5.32
C ASN A 403 10.60 -10.19 -5.10
N LYS A 404 10.49 -8.88 -4.98
CA LYS A 404 11.57 -8.01 -4.46
C LYS A 404 11.79 -8.31 -2.97
N PRO A 405 13.02 -8.13 -2.46
CA PRO A 405 13.34 -8.43 -1.05
C PRO A 405 12.85 -7.27 -0.18
N VAL A 406 11.53 -7.15 -0.06
CA VAL A 406 10.85 -6.11 0.76
C VAL A 406 9.81 -6.87 1.57
N VAL A 407 10.12 -7.15 2.84
CA VAL A 407 9.37 -8.17 3.61
C VAL A 407 7.91 -7.75 3.82
N THR A 408 7.60 -6.45 3.89
CA THR A 408 6.22 -5.95 4.16
C THR A 408 5.36 -5.86 2.90
N GLN A 409 6.00 -5.87 1.72
CA GLN A 409 5.33 -5.61 0.41
C GLN A 409 5.35 -6.88 -0.46
N ASN A 410 4.35 -6.95 -1.34
CA ASN A 410 4.21 -8.00 -2.39
C ASN A 410 4.53 -7.36 -3.73
N ASP A 411 5.81 -7.06 -3.98
CA ASP A 411 6.28 -6.36 -5.20
C ASP A 411 7.10 -7.34 -6.07
N LEU A 412 6.97 -7.25 -7.39
CA LEU A 412 7.78 -8.09 -8.33
C LEU A 412 8.92 -7.26 -8.91
N PHE A 413 10.07 -7.90 -9.17
CA PHE A 413 11.18 -7.24 -9.89
C PHE A 413 10.70 -6.77 -11.26
N GLU A 414 9.88 -7.54 -11.97
CA GLU A 414 9.45 -7.15 -13.33
C GLU A 414 8.22 -7.94 -13.76
N LEU A 415 7.57 -7.51 -14.83
CA LEU A 415 6.38 -8.22 -15.37
C LEU A 415 6.56 -8.40 -16.87
N PRO A 416 7.40 -9.38 -17.33
CA PRO A 416 7.66 -9.57 -18.75
C PRO A 416 6.34 -9.99 -19.39
N VAL A 417 5.88 -9.18 -20.35
CA VAL A 417 4.57 -9.47 -21.00
C VAL A 417 4.75 -9.53 -22.53
N ARG A 418 4.08 -10.51 -23.16
CA ARG A 418 3.92 -10.59 -24.63
C ARG A 418 2.63 -9.84 -24.96
N LEU A 419 2.71 -8.69 -25.65
CA LEU A 419 1.54 -7.83 -25.94
C LEU A 419 0.56 -8.52 -26.91
N GLY A 420 1.06 -9.18 -27.97
CA GLY A 420 0.25 -10.04 -28.86
C GLY A 420 -0.44 -9.27 -29.99
CHA HEM B . -2.62 3.53 5.16
CHB HEM B . -3.05 -0.09 2.03
CHC HEM B . -2.68 3.08 -1.62
CHD HEM B . -2.08 6.66 1.58
C1A HEM B . -2.87 2.31 4.61
C2A HEM B . -3.19 1.14 5.36
C3A HEM B . -3.30 0.12 4.46
C4A HEM B . -3.01 0.64 3.19
CMA HEM B . -3.61 -1.34 4.74
CAA HEM B . -3.43 1.00 6.85
CBA HEM B . -2.32 0.33 7.59
CGA HEM B . -2.79 -0.01 9.02
O1A HEM B . -2.71 -1.19 9.44
O2A HEM B . -3.25 0.88 9.76
C1B HEM B . -2.93 0.48 0.73
C2B HEM B . -2.96 -0.28 -0.47
C3B HEM B . -2.84 0.61 -1.52
C4B HEM B . -2.76 1.93 -0.90
CMB HEM B . -3.05 -1.80 -0.55
CAB HEM B . -2.88 0.43 -2.99
CBB HEM B . -3.40 -0.67 -3.53
C1C HEM B . -2.54 4.37 -1.12
C2C HEM B . -2.61 5.57 -1.83
C3C HEM B . -2.39 6.58 -0.87
C4C HEM B . -2.24 5.96 0.38
CMC HEM B . -2.78 5.74 -3.35
CAC HEM B . -2.39 8.07 -0.90
CBC HEM B . -2.87 8.79 -1.84
C1D HEM B . -2.13 6.06 2.82
C2D HEM B . -1.86 6.79 4.05
C3D HEM B . -2.02 5.93 5.07
C4D HEM B . -2.39 4.68 4.40
CMD HEM B . -1.53 8.25 4.14
CAD HEM B . -1.90 6.20 6.56
CBD HEM B . -3.30 6.39 7.21
CGD HEM B . -3.24 6.49 8.73
O1D HEM B . -2.40 5.80 9.38
O2D HEM B . -4.08 7.24 9.30
NA HEM B . -2.78 2.01 3.25
NB HEM B . -2.83 1.76 0.44
NC HEM B . -2.40 4.64 0.22
ND HEM B . -2.44 4.80 3.05
FE HEM B . -2.83 3.38 1.79
C1 PEG C . 1.20 2.34 5.48
O1 PEG C . 0.66 1.18 4.82
C2 PEG C . 1.68 3.34 4.50
O2 PEG C . 2.85 4.04 4.91
C3 PEG C . 3.99 3.21 5.15
C4 PEG C . 4.67 2.86 3.88
O4 PEG C . 5.63 1.83 4.08
C1 EDO D . 11.33 2.01 2.23
O1 EDO D . 11.75 3.11 3.00
C2 EDO D . 10.02 2.23 1.57
O2 EDO D . 9.29 1.05 1.31
C1 PEG E . -15.94 -0.68 -4.07
O1 PEG E . -16.68 -1.63 -4.81
C2 PEG E . -15.60 -1.15 -2.72
O2 PEG E . -16.13 -0.26 -1.73
C3 PEG E . -15.50 1.01 -1.67
C4 PEG E . -16.40 2.02 -1.07
O4 PEG E . -16.95 2.89 -2.06
C1 EDO F . 6.99 9.56 6.11
O1 EDO F . 7.71 8.82 5.13
C2 EDO F . 7.07 11.02 5.93
O2 EDO F . 7.00 11.79 7.13
#